data_6RA1
#
_entry.id   6RA1
#
_cell.length_a   56.889
_cell.length_b   56.889
_cell.length_c   116.147
_cell.angle_alpha   90.00
_cell.angle_beta   90.00
_cell.angle_gamma   90.00
#
_symmetry.space_group_name_H-M   'P 43 21 2'
#
loop_
_entity.id
_entity.type
_entity.pdbx_description
1 polymer 'Peptidyl-prolyl cis-trans isomerase F, mitochondrial'
2 non-polymer '2-[(1~{R},2~{R},6~{S},7~{S})-3,5-bis(oxidanylidene)-4-azatricyclo[5.2.1.0^{2,6}]decan-4-yl]ethanoic acid'
3 non-polymer 14-ethyl-4,6-dioxa-10,14-diazatricyclo[7.6.0.0^{3,7}]pentadeca-1(9),2,7-trien-13-one
4 non-polymer DI(HYDROXYETHYL)ETHER
5 non-polymer 'TETRAETHYLENE GLYCOL'
6 non-polymer 'SULFATE ION'
7 water water
#
_entity_poly.entity_id   1
_entity_poly.type   'polypeptide(L)'
_entity_poly.pdbx_seq_one_letter_code
;GNPLVYLDVDANGKPLGRVVLELKADVVPKTAENFRALCTGEKGFGYKGSTFHRVIPSFMCQAGDFTNHNGTGGKSIYGS
RFPDENFTLKHVGPGVLSMANAGPNTNGSQFFICTIKTDWLDGKHVVFGHVIEGMDVVKKIESFGSKSGRTSKKIVITDC
GQLS
;
_entity_poly.pdbx_strand_id   A
#
# COMPACT_ATOMS: atom_id res chain seq x y z
N GLY A 1 -10.00 16.53 7.74
CA GLY A 1 -10.49 15.33 8.49
C GLY A 1 -9.78 14.04 8.12
N ASN A 2 -9.20 13.97 6.92
CA ASN A 2 -8.51 12.78 6.43
C ASN A 2 -7.06 12.74 6.89
N PRO A 3 -6.60 11.57 7.42
CA PRO A 3 -5.20 11.43 7.82
C PRO A 3 -4.19 11.55 6.67
N LEU A 4 -3.01 12.08 6.98
CA LEU A 4 -1.85 12.01 6.10
C LEU A 4 -0.87 11.10 6.80
N VAL A 5 -0.43 10.08 6.09
CA VAL A 5 0.58 9.14 6.55
C VAL A 5 1.76 9.12 5.56
N TYR A 6 2.89 8.59 6.02
CA TYR A 6 4.10 8.52 5.21
C TYR A 6 4.75 7.12 5.23
N LEU A 7 5.39 6.77 4.11
CA LEU A 7 6.27 5.62 3.98
C LEU A 7 7.65 6.13 3.52
N ASP A 8 8.70 5.79 4.27
CA ASP A 8 10.10 6.03 3.88
C ASP A 8 10.65 4.70 3.41
N VAL A 9 11.18 4.69 2.18
CA VAL A 9 11.50 3.46 1.47
C VAL A 9 12.96 3.49 1.01
N ASP A 10 13.65 2.35 1.13
CA ASP A 10 15.02 2.19 0.58
C ASP A 10 15.13 0.98 -0.35
N ALA A 11 16.20 0.95 -1.15
CA ALA A 11 16.53 -0.16 -2.04
C ALA A 11 17.90 -0.67 -1.63
N ASN A 12 17.99 -1.95 -1.26
CA ASN A 12 19.21 -2.57 -0.72
C ASN A 12 19.92 -1.74 0.37
N GLY A 13 19.14 -1.06 1.22
CA GLY A 13 19.70 -0.20 2.28
C GLY A 13 19.92 1.28 1.95
N LYS A 14 19.70 1.68 0.69
CA LYS A 14 19.94 3.06 0.23
C LYS A 14 18.60 3.80 0.13
N PRO A 15 18.44 4.95 0.84
CA PRO A 15 17.12 5.62 0.84
C PRO A 15 16.66 6.13 -0.53
N LEU A 16 15.38 5.88 -0.85
CA LEU A 16 14.75 6.36 -2.08
C LEU A 16 13.98 7.68 -1.89
N GLY A 17 13.49 7.91 -0.66
CA GLY A 17 12.66 9.07 -0.35
C GLY A 17 11.38 8.69 0.38
N ARG A 18 10.49 9.67 0.50
CA ARG A 18 9.26 9.58 1.27
C ARG A 18 8.03 9.65 0.38
N VAL A 19 7.14 8.68 0.53
CA VAL A 19 5.80 8.72 -0.07
C VAL A 19 4.82 9.19 0.99
N VAL A 20 4.04 10.23 0.67
CA VAL A 20 2.98 10.73 1.56
C VAL A 20 1.62 10.35 0.96
N LEU A 21 0.77 9.77 1.79
CA LEU A 21 -0.52 9.28 1.34
C LEU A 21 -1.64 9.95 2.12
N GLU A 22 -2.70 10.37 1.42
CA GLU A 22 -3.95 10.77 2.04
C GLU A 22 -4.80 9.51 2.14
N LEU A 23 -5.38 9.30 3.31
CA LEU A 23 -6.28 8.16 3.53
C LEU A 23 -7.70 8.71 3.55
N LYS A 24 -8.57 8.17 2.69
CA LYS A 24 -9.94 8.67 2.55
C LYS A 24 -10.90 8.17 3.65
N ALA A 25 -10.67 8.67 4.87
CA ALA A 25 -11.51 8.33 6.04
C ALA A 25 -12.94 8.82 5.86
N ASP A 26 -13.12 9.90 5.10
CA ASP A 26 -14.43 10.41 4.68
C ASP A 26 -15.29 9.47 3.83
N VAL A 27 -14.67 8.52 3.12
CA VAL A 27 -15.37 7.55 2.25
C VAL A 27 -15.29 6.10 2.77
N VAL A 28 -14.13 5.70 3.25
CA VAL A 28 -13.91 4.34 3.74
C VAL A 28 -13.18 4.41 5.09
N PRO A 29 -13.90 4.78 6.18
CA PRO A 29 -13.22 4.98 7.47
C PRO A 29 -12.58 3.72 8.07
N LYS A 30 -13.25 2.58 7.97
CA LYS A 30 -12.69 1.32 8.48
C LYS A 30 -11.39 0.97 7.77
N THR A 31 -11.38 1.12 6.44
CA THR A 31 -10.21 0.75 5.61
C THR A 31 -9.06 1.76 5.80
N ALA A 32 -9.40 3.04 5.91
CA ALA A 32 -8.41 4.10 6.17
C ALA A 32 -7.75 3.92 7.53
N GLU A 33 -8.56 3.62 8.54
CA GLU A 33 -8.08 3.45 9.91
C GLU A 33 -7.12 2.27 10.03
N ASN A 34 -7.43 1.18 9.34
CA ASN A 34 -6.53 0.03 9.26
C ASN A 34 -5.14 0.40 8.74
N PHE A 35 -5.09 1.09 7.60
CA PHE A 35 -3.83 1.52 7.02
C PHE A 35 -3.11 2.51 7.94
N ARG A 36 -3.86 3.47 8.50
CA ARG A 36 -3.28 4.50 9.38
C ARG A 36 -2.56 3.83 10.56
N ALA A 37 -3.28 2.93 11.23
CA ALA A 37 -2.76 2.26 12.42
C ALA A 37 -1.57 1.36 12.12
N LEU A 38 -1.57 0.72 10.96
CA LEU A 38 -0.43 -0.12 10.53
C LEU A 38 0.84 0.72 10.17
N CYS A 39 0.66 1.98 9.79
CA CYS A 39 1.78 2.90 9.58
C CYS A 39 2.40 3.36 10.90
N THR A 40 1.57 3.66 11.90
CA THR A 40 2.08 4.08 13.22
C THR A 40 2.63 2.92 14.04
N GLY A 41 2.17 1.70 13.75
CA GLY A 41 2.53 0.51 14.52
C GLY A 41 1.85 0.44 15.88
N GLU A 42 0.83 1.28 16.11
CA GLU A 42 0.28 1.48 17.46
C GLU A 42 -0.51 0.28 18.03
N LYS A 43 -0.83 -0.72 17.19
CA LYS A 43 -1.37 -2.00 17.68
C LYS A 43 -0.30 -3.05 18.01
N GLY A 44 0.99 -2.69 17.92
CA GLY A 44 2.09 -3.63 18.18
C GLY A 44 2.63 -4.35 16.94
N PHE A 45 2.03 -4.10 15.78
CA PHE A 45 2.51 -4.60 14.51
C PHE A 45 2.16 -3.61 13.41
N GLY A 46 2.87 -3.68 12.30
CA GLY A 46 2.58 -2.82 11.19
C GLY A 46 3.57 -2.97 10.06
N TYR A 47 3.59 -1.96 9.20
CA TYR A 47 4.38 -1.97 7.98
C TYR A 47 5.89 -1.74 8.15
N LYS A 48 6.31 -1.15 9.27
CA LYS A 48 7.74 -0.82 9.46
C LYS A 48 8.66 -2.05 9.34
N GLY A 49 9.61 -1.99 8.40
CA GLY A 49 10.55 -3.07 8.16
C GLY A 49 10.06 -4.18 7.25
N SER A 50 8.86 -4.04 6.69
CA SER A 50 8.36 -4.96 5.68
C SER A 50 8.71 -4.40 4.29
N THR A 51 8.39 -5.17 3.25
CA THR A 51 8.90 -4.93 1.90
C THR A 51 7.80 -4.66 0.88
N PHE A 52 8.20 -4.07 -0.25
CA PHE A 52 7.43 -4.16 -1.50
C PHE A 52 7.85 -5.46 -2.17
N HIS A 53 7.00 -6.48 -2.08
CA HIS A 53 7.32 -7.83 -2.60
C HIS A 53 6.96 -8.00 -4.08
N ARG A 54 5.95 -7.26 -4.57
CA ARG A 54 5.56 -7.39 -6.00
C ARG A 54 5.56 -6.01 -6.67
N VAL A 55 6.45 -5.82 -7.64
CA VAL A 55 6.56 -4.52 -8.38
C VAL A 55 6.53 -4.79 -9.88
N ILE A 56 5.49 -4.32 -10.57
CA ILE A 56 5.34 -4.53 -12.00
C ILE A 56 5.31 -3.16 -12.69
N PRO A 57 6.36 -2.81 -13.46
CA PRO A 57 6.44 -1.54 -14.19
C PRO A 57 5.21 -1.38 -15.08
N SER A 58 4.71 -0.14 -15.19
CA SER A 58 3.49 0.23 -15.97
C SER A 58 2.25 -0.47 -15.39
N PHE A 59 2.21 -0.67 -14.07
CA PHE A 59 1.04 -1.30 -13.41
C PHE A 59 0.92 -0.79 -11.98
N MET A 60 1.66 -1.41 -11.04
CA MET A 60 1.53 -1.01 -9.60
C MET A 60 2.69 -1.57 -8.77
N CYS A 61 2.85 -1.01 -7.57
CA CYS A 61 3.84 -1.43 -6.55
C CYS A 61 3.04 -1.98 -5.36
N GLN A 62 3.27 -3.23 -4.99
CA GLN A 62 2.49 -3.89 -3.95
C GLN A 62 3.37 -4.19 -2.74
N ALA A 63 2.80 -4.02 -1.56
CA ALA A 63 3.50 -4.15 -0.28
C ALA A 63 2.52 -4.61 0.81
N GLY A 64 2.99 -4.64 2.06
CA GLY A 64 2.13 -4.87 3.20
C GLY A 64 2.05 -6.28 3.79
N ASP A 65 2.76 -7.24 3.18
CA ASP A 65 2.87 -8.59 3.76
C ASP A 65 3.98 -8.59 4.79
N PHE A 66 3.66 -8.09 5.98
CA PHE A 66 4.62 -8.05 7.09
C PHE A 66 4.71 -9.36 7.89
N THR A 67 3.83 -10.35 7.61
CA THR A 67 3.88 -11.66 8.30
C THR A 67 4.69 -12.69 7.50
N ASN A 68 4.42 -12.83 6.20
CA ASN A 68 5.10 -13.84 5.36
C ASN A 68 6.12 -13.28 4.34
N HIS A 69 6.00 -11.99 4.01
CA HIS A 69 6.96 -11.27 3.12
C HIS A 69 6.96 -11.86 1.70
N ASN A 70 5.91 -12.61 1.31
CA ASN A 70 5.89 -13.19 -0.05
C ASN A 70 4.56 -12.91 -0.75
N GLY A 71 3.67 -12.14 -0.11
CA GLY A 71 2.35 -11.82 -0.68
C GLY A 71 1.27 -12.82 -0.31
N THR A 72 1.60 -13.86 0.48
CA THR A 72 0.58 -14.84 0.92
C THR A 72 0.09 -14.49 2.34
N GLY A 73 0.69 -13.48 2.97
CA GLY A 73 0.40 -13.14 4.37
C GLY A 73 -0.19 -11.77 4.62
N GLY A 74 0.06 -11.25 5.84
CA GLY A 74 -0.54 -10.00 6.32
C GLY A 74 -1.83 -10.19 7.09
N LYS A 75 -2.19 -9.18 7.88
CA LYS A 75 -3.43 -9.20 8.67
C LYS A 75 -3.87 -7.78 8.99
N SER A 76 -5.14 -7.60 9.34
CA SER A 76 -5.67 -6.28 9.68
C SER A 76 -5.56 -6.04 11.18
N ILE A 77 -5.77 -4.78 11.57
CA ILE A 77 -5.86 -4.40 12.98
C ILE A 77 -7.13 -4.96 13.66
N TYR A 78 -8.11 -5.38 12.85
CA TYR A 78 -9.39 -5.90 13.33
C TYR A 78 -9.35 -7.40 13.56
N GLY A 79 -8.44 -8.07 12.85
CA GLY A 79 -8.33 -9.50 12.81
C GLY A 79 -7.65 -9.84 11.50
N SER A 80 -7.71 -11.11 11.11
CA SER A 80 -6.93 -11.58 9.98
C SER A 80 -7.44 -10.93 8.70
N ARG A 81 -8.76 -10.78 8.59
CA ARG A 81 -9.36 -10.15 7.43
C ARG A 81 -10.59 -9.34 7.79
N PHE A 82 -10.97 -8.42 6.89
CA PHE A 82 -12.18 -7.61 7.06
C PHE A 82 -12.92 -7.41 5.73
N PRO A 83 -14.24 -7.13 5.80
CA PRO A 83 -15.01 -6.98 4.57
C PRO A 83 -14.58 -5.82 3.66
N ASP A 84 -14.94 -5.96 2.39
CA ASP A 84 -14.90 -4.86 1.45
C ASP A 84 -15.88 -3.80 1.95
N GLU A 85 -15.36 -2.62 2.30
CA GLU A 85 -16.15 -1.56 2.92
C GLU A 85 -17.13 -0.96 1.90
N ASN A 86 -16.59 -0.48 0.80
CA ASN A 86 -17.35 -0.11 -0.38
C ASN A 86 -16.40 -0.02 -1.57
N PHE A 87 -16.97 0.17 -2.75
CA PHE A 87 -16.20 0.41 -3.97
C PHE A 87 -16.53 1.80 -4.58
N THR A 88 -16.78 2.78 -3.73
CA THR A 88 -17.14 4.14 -4.18
C THR A 88 -15.96 4.81 -4.93
N LEU A 89 -14.76 4.73 -4.37
CA LEU A 89 -13.56 5.27 -5.03
C LEU A 89 -13.05 4.33 -6.13
N LYS A 90 -12.52 4.92 -7.22
CA LYS A 90 -12.17 4.17 -8.42
C LYS A 90 -10.69 4.25 -8.74
N HIS A 91 -10.20 3.29 -9.50
CA HIS A 91 -8.79 3.26 -9.88
C HIS A 91 -8.64 4.19 -11.06
N VAL A 92 -8.58 5.49 -10.77
CA VAL A 92 -8.70 6.54 -11.80
C VAL A 92 -7.38 6.84 -12.50
N GLY A 93 -6.25 6.44 -11.93
CA GLY A 93 -4.96 6.82 -12.50
C GLY A 93 -3.77 6.51 -11.62
N PRO A 94 -2.56 6.93 -12.04
CA PRO A 94 -1.36 6.77 -11.22
C PRO A 94 -1.52 7.41 -9.83
N GLY A 95 -1.00 6.76 -8.80
CA GLY A 95 -1.02 7.28 -7.43
C GLY A 95 -2.17 6.81 -6.56
N VAL A 96 -3.13 6.12 -7.17
CA VAL A 96 -4.29 5.54 -6.42
C VAL A 96 -3.76 4.49 -5.43
N LEU A 97 -4.25 4.55 -4.18
CA LEU A 97 -3.87 3.58 -3.12
C LEU A 97 -5.05 2.61 -2.96
N SER A 98 -4.80 1.30 -3.12
CA SER A 98 -5.91 0.31 -3.07
C SER A 98 -5.49 -0.96 -2.32
N MET A 99 -6.49 -1.71 -1.84
CA MET A 99 -6.25 -2.94 -1.10
C MET A 99 -6.05 -4.14 -2.04
N ALA A 100 -4.97 -4.87 -1.79
CA ALA A 100 -4.80 -6.20 -2.36
C ALA A 100 -5.80 -7.13 -1.66
N ASN A 101 -6.28 -8.14 -2.38
CA ASN A 101 -7.10 -9.17 -1.77
C ASN A 101 -6.94 -10.52 -2.46
N ALA A 102 -7.54 -11.55 -1.88
CA ALA A 102 -7.60 -12.89 -2.45
C ALA A 102 -9.07 -13.26 -2.75
N GLY A 103 -9.84 -12.25 -3.18
CA GLY A 103 -11.26 -12.41 -3.46
C GLY A 103 -12.08 -11.50 -2.57
N PRO A 104 -13.42 -11.55 -2.73
CA PRO A 104 -14.34 -10.76 -1.91
C PRO A 104 -14.07 -10.90 -0.40
N ASN A 105 -14.02 -9.78 0.30
CA ASN A 105 -13.99 -9.77 1.78
C ASN A 105 -12.78 -10.49 2.39
N THR A 106 -11.60 -10.22 1.83
CA THR A 106 -10.34 -10.79 2.32
C THR A 106 -9.27 -9.71 2.49
N ASN A 107 -9.68 -8.49 2.84
CA ASN A 107 -8.73 -7.39 3.09
C ASN A 107 -7.95 -7.66 4.35
N GLY A 108 -6.62 -7.60 4.25
CA GLY A 108 -5.74 -7.74 5.40
C GLY A 108 -4.93 -6.48 5.60
N SER A 109 -3.65 -6.57 5.27
CA SER A 109 -2.74 -5.44 5.28
C SER A 109 -2.06 -5.15 3.94
N GLN A 110 -2.12 -6.08 2.99
CA GLN A 110 -1.49 -5.87 1.70
C GLN A 110 -2.21 -4.78 0.89
N PHE A 111 -1.43 -3.98 0.18
CA PHE A 111 -1.94 -2.83 -0.51
C PHE A 111 -1.08 -2.59 -1.73
N PHE A 112 -1.58 -1.78 -2.65
CA PHE A 112 -0.78 -1.40 -3.81
C PHE A 112 -0.99 0.05 -4.18
N ILE A 113 0.06 0.64 -4.74
CA ILE A 113 0.02 1.99 -5.29
C ILE A 113 0.12 1.85 -6.82
N CYS A 114 -0.91 2.34 -7.50
CA CYS A 114 -0.94 2.28 -8.95
C CYS A 114 0.07 3.23 -9.60
N THR A 115 0.68 2.79 -10.69
CA THR A 115 1.47 3.65 -11.56
C THR A 115 0.82 3.85 -12.93
N ILE A 116 -0.41 3.34 -13.10
CA ILE A 116 -1.29 3.68 -14.23
C ILE A 116 -2.75 3.63 -13.77
N LYS A 117 -3.67 3.99 -14.66
CA LYS A 117 -5.09 3.75 -14.45
C LYS A 117 -5.33 2.23 -14.49
N THR A 118 -5.91 1.69 -13.43
CA THR A 118 -6.16 0.23 -13.33
C THR A 118 -7.65 0.00 -13.12
N ASP A 119 -8.42 0.54 -14.07
CA ASP A 119 -9.90 0.56 -14.05
C ASP A 119 -10.56 -0.80 -14.06
N TRP A 120 -9.84 -1.81 -14.53
CA TRP A 120 -10.33 -3.20 -14.51
C TRP A 120 -10.55 -3.73 -13.07
N LEU A 121 -9.76 -3.24 -12.12
CA LEU A 121 -9.89 -3.54 -10.71
C LEU A 121 -11.11 -2.89 -10.00
N ASP A 122 -11.75 -1.89 -10.63
CA ASP A 122 -12.91 -1.21 -10.02
C ASP A 122 -14.00 -2.20 -9.63
N GLY A 123 -14.50 -2.08 -8.41
CA GLY A 123 -15.53 -2.98 -7.91
C GLY A 123 -14.99 -4.30 -7.38
N LYS A 124 -13.67 -4.52 -7.48
CA LYS A 124 -13.00 -5.72 -6.97
C LYS A 124 -11.99 -5.42 -5.85
N HIS A 125 -11.36 -4.25 -5.89
CA HIS A 125 -10.42 -3.83 -4.86
C HIS A 125 -10.85 -2.52 -4.30
N VAL A 126 -10.80 -2.38 -2.98
CA VAL A 126 -11.26 -1.16 -2.31
C VAL A 126 -10.15 -0.10 -2.37
N VAL A 127 -10.43 1.00 -3.09
CA VAL A 127 -9.57 2.18 -3.14
C VAL A 127 -9.83 2.99 -1.88
N PHE A 128 -8.76 3.40 -1.20
CA PHE A 128 -8.91 4.13 0.09
C PHE A 128 -7.96 5.32 0.26
N GLY A 129 -7.27 5.71 -0.81
CA GLY A 129 -6.38 6.84 -0.73
C GLY A 129 -5.66 7.14 -2.02
N HIS A 130 -4.77 8.13 -1.93
CA HIS A 130 -3.85 8.45 -3.01
C HIS A 130 -2.58 9.11 -2.53
N VAL A 131 -1.59 9.13 -3.43
CA VAL A 131 -0.30 9.76 -3.20
C VAL A 131 -0.46 11.28 -3.24
N ILE A 132 -0.05 11.95 -2.17
CA ILE A 132 -0.02 13.43 -2.09
C ILE A 132 1.30 14.01 -2.58
N GLU A 133 2.40 13.35 -2.19
CA GLU A 133 3.74 13.65 -2.70
C GLU A 133 4.59 12.39 -2.67
N GLY A 134 5.72 12.47 -3.37
CA GLY A 134 6.65 11.37 -3.48
C GLY A 134 6.29 10.36 -4.55
N MET A 135 5.57 10.81 -5.57
CA MET A 135 5.29 9.96 -6.73
C MET A 135 6.58 9.64 -7.48
N ASP A 136 7.58 10.53 -7.44
CA ASP A 136 8.92 10.20 -7.94
C ASP A 136 9.57 9.04 -7.15
N VAL A 137 9.27 8.95 -5.86
CA VAL A 137 9.71 7.81 -5.05
C VAL A 137 9.03 6.51 -5.50
N VAL A 138 7.74 6.59 -5.82
CA VAL A 138 6.98 5.45 -6.38
C VAL A 138 7.57 5.00 -7.73
N LYS A 139 7.95 5.94 -8.58
CA LYS A 139 8.59 5.62 -9.86
C LYS A 139 9.95 4.93 -9.66
N LYS A 140 10.71 5.36 -8.65
CA LYS A 140 11.97 4.70 -8.30
C LYS A 140 11.73 3.25 -7.89
N ILE A 141 10.74 3.02 -7.04
CA ILE A 141 10.35 1.66 -6.63
C ILE A 141 9.98 0.84 -7.87
N GLU A 142 9.10 1.41 -8.69
CA GLU A 142 8.69 0.84 -9.97
C GLU A 142 9.87 0.39 -10.83
N SER A 143 10.90 1.22 -10.93
CA SER A 143 12.08 0.93 -11.75
C SER A 143 12.84 -0.34 -11.33
N PHE A 144 12.73 -0.73 -10.06
CA PHE A 144 13.34 -1.97 -9.55
C PHE A 144 12.42 -3.20 -9.69
N GLY A 145 11.28 -3.06 -10.36
CA GLY A 145 10.38 -4.16 -10.61
C GLY A 145 10.69 -4.89 -11.89
N SER A 146 9.82 -5.83 -12.23
CA SER A 146 9.90 -6.57 -13.49
C SER A 146 8.50 -6.98 -13.91
N LYS A 147 8.35 -7.39 -15.16
CA LYS A 147 7.06 -7.78 -15.70
C LYS A 147 6.44 -8.96 -14.90
N SER A 148 7.34 -9.80 -14.36
CA SER A 148 6.95 -10.98 -13.54
C SER A 148 6.52 -10.53 -12.13
N GLY A 149 6.98 -9.35 -11.70
CA GLY A 149 6.65 -8.83 -10.36
C GLY A 149 7.84 -8.93 -9.41
N ARG A 150 8.81 -9.78 -9.75
CA ARG A 150 10.02 -9.97 -8.92
C ARG A 150 10.86 -8.68 -8.93
N THR A 151 11.37 -8.28 -7.77
CA THR A 151 12.18 -7.04 -7.66
C THR A 151 13.67 -7.36 -7.81
N SER A 152 14.43 -6.45 -8.40
CA SER A 152 15.90 -6.62 -8.59
C SER A 152 16.71 -6.19 -7.37
N LYS A 153 16.11 -5.38 -6.50
CA LYS A 153 16.69 -4.97 -5.22
C LYS A 153 15.65 -5.23 -4.11
N LYS A 154 16.12 -5.36 -2.87
CA LYS A 154 15.21 -5.50 -1.73
C LYS A 154 14.66 -4.11 -1.36
N ILE A 155 13.37 -3.89 -1.65
N ILE A 155 13.37 -3.89 -1.65
CA ILE A 155 12.69 -2.61 -1.38
CA ILE A 155 12.69 -2.62 -1.37
C ILE A 155 11.99 -2.69 -0.03
C ILE A 155 11.99 -2.71 -0.03
N VAL A 156 12.41 -1.87 0.93
CA VAL A 156 11.97 -1.96 2.31
C VAL A 156 11.34 -0.65 2.81
N ILE A 157 10.21 -0.74 3.50
CA ILE A 157 9.67 0.39 4.24
C ILE A 157 10.46 0.50 5.54
N THR A 158 11.50 1.33 5.53
CA THR A 158 12.38 1.49 6.70
C THR A 158 11.72 2.25 7.85
N ASP A 159 10.78 3.13 7.53
CA ASP A 159 10.03 3.86 8.54
C ASP A 159 8.68 4.27 7.97
N CYS A 160 7.72 4.45 8.87
CA CYS A 160 6.39 4.94 8.50
C CYS A 160 5.72 5.54 9.72
N GLY A 161 4.62 6.25 9.48
CA GLY A 161 3.96 6.97 10.56
C GLY A 161 2.90 7.91 10.02
N GLN A 162 2.40 8.75 10.90
CA GLN A 162 1.31 9.68 10.61
C GLN A 162 1.78 11.13 10.72
N LEU A 163 1.46 11.96 9.73
CA LEU A 163 1.84 13.38 9.69
C LEU A 163 0.77 14.29 10.28
N SER A 164 -0.50 13.92 10.11
CA SER A 164 -1.63 14.67 10.65
C SER A 164 -2.88 13.82 10.56
#